data_5W2L
#
_entry.id   5W2L
#
_cell.length_a   47.537
_cell.length_b   50.776
_cell.length_c   144.538
_cell.angle_alpha   90.00
_cell.angle_beta   90.00
_cell.angle_gamma   90.00
#
_symmetry.space_group_name_H-M   'P 21 21 21'
#
loop_
_entity.id
_entity.type
_entity.pdbx_description
1 polymer 'CST complex subunit CTC1'
2 non-polymer 'MERCURY (II) ION'
3 water water
#
_entity_poly.entity_id   1
_entity_poly.type   'polypeptide(L)'
_entity_poly.pdbx_seq_one_letter_code
;SNAQTDPTGPEGPHLGQSRLFLLCHKEALMKRNFCVPPGASPEVPKPALSFYVLGSWLGGTQRKEGTGWGLPEPQGNDDN
DQKVHLIFFGSSVRWFEFLHPGQVYRLIAPGPATPMLFEKDGSSCISRRPLELAGCASCLTVQDNWTLELESSQDIQDVL
DANKSLPE
;
_entity_poly.pdbx_strand_id   A,B
#
# COMPACT_ATOMS: atom_id res chain seq x y z
N PRO A 13 8.23 18.45 18.82
CA PRO A 13 7.25 19.20 19.61
C PRO A 13 6.28 19.96 18.68
N HIS A 14 6.83 20.85 17.85
CA HIS A 14 6.12 21.40 16.71
C HIS A 14 6.67 20.82 15.40
N LEU A 15 7.27 19.63 15.48
CA LEU A 15 7.96 19.01 14.34
C LEU A 15 7.00 18.18 13.49
N GLY A 16 6.05 18.87 12.87
CA GLY A 16 5.02 18.23 12.05
C GLY A 16 3.95 19.20 11.58
N GLN A 17 3.36 18.89 10.43
CA GLN A 17 2.23 19.64 9.87
C GLN A 17 1.30 18.61 9.28
N SER A 18 0.01 18.90 9.28
CA SER A 18 -0.97 17.97 8.72
C SER A 18 -2.20 18.68 8.16
N ARG A 19 -3.00 17.95 7.40
CA ARG A 19 -4.22 18.51 6.82
C ARG A 19 -5.16 17.39 6.46
N LEU A 20 -6.45 17.59 6.72
CA LEU A 20 -7.48 16.62 6.41
C LEU A 20 -8.01 16.81 5.00
N PHE A 21 -8.27 15.70 4.32
CA PHE A 21 -8.95 15.73 3.03
C PHE A 21 -9.92 14.56 2.91
N LEU A 22 -11.04 14.81 2.22
CA LEU A 22 -11.94 13.75 1.82
C LEU A 22 -11.40 13.12 0.53
N LEU A 23 -11.27 11.80 0.52
CA LEU A 23 -10.77 11.10 -0.65
C LEU A 23 -11.96 10.83 -1.58
N CYS A 24 -11.96 11.50 -2.72
CA CYS A 24 -13.09 11.43 -3.63
C CYS A 24 -12.98 10.30 -4.67
N HIS A 25 -11.76 10.09 -5.16
CA HIS A 25 -11.54 9.18 -6.29
C HIS A 25 -10.09 8.71 -6.29
N LYS A 26 -9.86 7.43 -6.53
CA LYS A 26 -8.49 6.89 -6.59
C LYS A 26 -8.19 6.27 -7.95
N GLU A 27 -7.15 6.76 -8.61
CA GLU A 27 -6.73 6.24 -9.93
C GLU A 27 -6.01 4.93 -9.77
N ALA A 28 -6.05 4.09 -10.81
CA ALA A 28 -5.33 2.80 -10.83
C ALA A 28 -3.83 2.93 -10.55
N LEU A 29 -3.29 1.94 -9.86
CA LEU A 29 -1.86 1.78 -9.69
C LEU A 29 -1.28 1.14 -10.94
N MET A 30 -0.45 1.89 -11.65
CA MET A 30 0.10 1.46 -12.93
C MET A 30 1.30 2.33 -13.27
N LYS A 31 2.11 1.87 -14.22
CA LYS A 31 3.21 2.67 -14.74
C LYS A 31 2.65 3.83 -15.53
N ARG A 32 3.19 5.03 -15.30
CA ARG A 32 2.82 6.23 -16.05
C ARG A 32 4.09 6.96 -16.46
N ASN A 33 3.99 7.69 -17.56
CA ASN A 33 5.07 8.56 -17.98
C ASN A 33 4.99 9.87 -17.21
N PHE A 34 6.14 10.36 -16.78
CA PHE A 34 6.18 11.59 -16.02
C PHE A 34 6.68 12.76 -16.83
N CYS A 35 6.16 13.95 -16.51
CA CYS A 35 6.57 15.21 -17.15
C CYS A 35 8.07 15.48 -16.95
N VAL A 36 8.63 16.26 -17.87
CA VAL A 36 9.96 16.83 -17.71
C VAL A 36 9.83 18.00 -16.72
N PRO A 37 10.34 17.83 -15.47
CA PRO A 37 10.13 18.84 -14.41
C PRO A 37 10.63 20.24 -14.81
N PRO A 38 9.71 21.21 -14.97
CA PRO A 38 10.02 22.51 -15.60
C PRO A 38 11.13 23.27 -14.88
N GLY A 39 12.28 23.38 -15.53
CA GLY A 39 13.43 24.08 -14.96
C GLY A 39 14.48 23.19 -14.33
N ALA A 40 14.27 21.88 -14.38
CA ALA A 40 15.27 20.90 -13.93
C ALA A 40 16.04 20.34 -15.12
N SER A 41 17.02 19.48 -14.84
CA SER A 41 17.81 18.83 -15.89
C SER A 41 16.91 18.07 -16.87
N PRO A 42 17.04 18.37 -18.18
CA PRO A 42 16.25 17.61 -19.15
C PRO A 42 16.71 16.15 -19.19
N GLU A 43 15.75 15.25 -19.06
CA GLU A 43 15.98 13.82 -19.22
C GLU A 43 14.70 13.19 -19.70
N VAL A 44 14.81 12.07 -20.40
CA VAL A 44 13.64 11.24 -20.70
C VAL A 44 13.39 10.41 -19.44
N PRO A 45 12.39 10.82 -18.61
CA PRO A 45 12.11 10.05 -17.41
C PRO A 45 11.35 8.78 -17.78
N LYS A 46 11.80 7.65 -17.23
CA LYS A 46 11.19 6.36 -17.52
C LYS A 46 9.77 6.28 -16.93
N PRO A 47 8.89 5.43 -17.50
CA PRO A 47 7.62 5.14 -16.82
C PRO A 47 7.88 4.74 -15.37
N ALA A 48 6.98 5.15 -14.48
CA ALA A 48 7.13 4.84 -13.06
C ALA A 48 5.80 4.35 -12.51
N LEU A 49 5.89 3.30 -11.69
CA LEU A 49 4.72 2.80 -10.95
C LEU A 49 4.16 3.92 -10.10
N SER A 50 2.86 4.15 -10.21
CA SER A 50 2.27 5.35 -9.64
C SER A 50 0.77 5.27 -9.48
N PHE A 51 0.26 6.12 -8.61
CA PHE A 51 -1.16 6.41 -8.61
C PHE A 51 -1.36 7.82 -8.13
N TYR A 52 -2.58 8.30 -8.26
CA TYR A 52 -2.97 9.55 -7.63
C TYR A 52 -4.43 9.53 -7.22
N VAL A 53 -4.78 10.47 -6.35
CA VAL A 53 -6.14 10.60 -5.85
C VAL A 53 -6.63 12.00 -6.02
N LEU A 54 -7.95 12.12 -6.19
CA LEU A 54 -8.64 13.39 -6.10
C LEU A 54 -9.13 13.56 -4.68
N GLY A 55 -8.65 14.59 -4.02
CA GLY A 55 -9.08 14.90 -2.67
C GLY A 55 -9.74 16.25 -2.61
N SER A 56 -10.44 16.50 -1.51
CA SER A 56 -10.93 17.82 -1.20
C SER A 56 -10.51 18.16 0.23
N TRP A 57 -9.71 19.21 0.40
CA TRP A 57 -9.28 19.64 1.74
C TRP A 57 -10.47 20.05 2.61
N LEU A 58 -10.50 19.54 3.84
CA LEU A 58 -11.62 19.83 4.75
C LEU A 58 -11.35 20.97 5.73
N GLY A 59 -10.08 21.31 5.86
CA GLY A 59 -9.66 22.46 6.68
C GLY A 59 -8.25 22.84 6.31
N GLY A 60 -7.79 23.95 6.86
CA GLY A 60 -6.42 24.41 6.63
C GLY A 60 -5.38 23.56 7.34
N THR A 61 -4.11 23.83 7.05
CA THR A 61 -2.98 23.12 7.64
C THR A 61 -2.96 23.32 9.16
N GLN A 62 -2.69 22.23 9.89
CA GLN A 62 -2.57 22.23 11.35
C GLN A 62 -1.12 21.92 11.74
N ARG A 63 -0.56 22.74 12.65
CA ARG A 63 0.76 22.43 13.19
C ARG A 63 0.66 21.39 14.28
N LYS A 64 1.69 20.53 14.36
CA LYS A 64 1.86 19.63 15.49
C LYS A 64 1.95 20.44 16.79
N GLU A 65 1.22 19.98 17.80
CA GLU A 65 1.16 20.66 19.09
C GLU A 65 1.26 19.63 20.18
N GLY A 66 2.50 19.28 20.54
CA GLY A 66 2.78 18.19 21.46
C GLY A 66 2.26 16.89 20.88
N THR A 67 1.39 16.23 21.64
CA THR A 67 0.79 14.95 21.22
C THR A 67 -0.43 15.15 20.29
N GLY A 68 -0.79 16.41 20.04
CA GLY A 68 -1.97 16.71 19.23
C GLY A 68 -1.69 17.64 18.06
N TRP A 69 -2.75 18.27 17.57
CA TRP A 69 -2.68 19.18 16.42
C TRP A 69 -3.32 20.50 16.79
N GLY A 70 -2.74 21.57 16.27
CA GLY A 70 -3.25 22.91 16.53
C GLY A 70 -4.43 23.24 15.65
N LEU A 71 -4.87 24.49 15.76
CA LEU A 71 -6.04 24.96 14.99
C LEU A 71 -5.71 25.03 13.49
N PRO A 72 -6.70 24.66 12.63
CA PRO A 72 -6.48 24.78 11.17
C PRO A 72 -6.34 26.22 10.70
N GLU A 73 -5.32 26.50 9.90
CA GLU A 73 -5.17 27.79 9.22
C GLU A 73 -6.47 28.16 8.48
N PRO A 74 -6.83 29.46 8.46
CA PRO A 74 -8.10 29.90 7.83
C PRO A 74 -8.25 29.44 6.38
N GLN A 75 -9.45 28.96 6.05
CA GLN A 75 -9.74 28.37 4.75
C GLN A 75 -10.90 29.11 4.07
N ASP A 81 -10.37 27.41 -3.53
CA ASP A 81 -10.72 26.10 -4.07
C ASP A 81 -10.03 24.98 -3.28
N GLN A 82 -10.79 23.94 -2.98
CA GLN A 82 -10.31 22.88 -2.07
C GLN A 82 -9.88 21.58 -2.75
N LYS A 83 -10.08 21.48 -4.07
CA LYS A 83 -9.64 20.31 -4.86
C LYS A 83 -8.11 20.17 -4.87
N VAL A 84 -7.65 18.92 -4.76
CA VAL A 84 -6.23 18.60 -4.82
C VAL A 84 -6.03 17.23 -5.48
N HIS A 85 -4.98 17.11 -6.30
CA HIS A 85 -4.53 15.82 -6.79
C HIS A 85 -3.26 15.44 -6.05
N LEU A 86 -3.35 14.38 -5.25
CA LEU A 86 -2.19 13.90 -4.49
C LEU A 86 -1.51 12.78 -5.25
N ILE A 87 -0.22 12.94 -5.50
CA ILE A 87 0.53 12.08 -6.44
C ILE A 87 1.46 11.17 -5.67
N PHE A 88 1.35 9.87 -5.91
CA PHE A 88 2.14 8.84 -5.22
C PHE A 88 3.01 8.06 -6.20
N PHE A 89 4.32 8.07 -5.95
CA PHE A 89 5.22 7.14 -6.65
C PHE A 89 6.36 6.74 -5.73
N GLY A 90 7.26 5.88 -6.21
CA GLY A 90 8.36 5.38 -5.37
C GLY A 90 7.81 4.66 -4.15
N SER A 91 8.36 4.91 -2.97
CA SER A 91 7.90 4.18 -1.79
C SER A 91 6.51 4.62 -1.31
N SER A 92 6.03 5.78 -1.78
CA SER A 92 4.67 6.24 -1.43
C SER A 92 3.55 5.36 -2.00
N VAL A 93 3.93 4.44 -2.90
CA VAL A 93 2.99 3.44 -3.43
C VAL A 93 2.47 2.52 -2.29
N ARG A 94 3.20 2.53 -1.17
CA ARG A 94 2.81 1.75 0.01
C ARG A 94 1.43 2.07 0.56
N TRP A 95 0.88 3.23 0.17
CA TRP A 95 -0.43 3.70 0.66
C TRP A 95 -1.62 3.21 -0.16
N PHE A 96 -1.35 2.60 -1.33
CA PHE A 96 -2.43 2.34 -2.29
C PHE A 96 -3.64 1.59 -1.72
N GLU A 97 -3.40 0.44 -1.10
CA GLU A 97 -4.50 -0.40 -0.63
C GLU A 97 -5.10 0.06 0.70
N PHE A 98 -4.38 0.96 1.37
CA PHE A 98 -4.85 1.60 2.62
C PHE A 98 -5.94 2.66 2.34
N LEU A 99 -5.94 3.23 1.14
CA LEU A 99 -6.77 4.42 0.84
C LEU A 99 -8.05 4.07 0.11
N HIS A 100 -9.18 4.51 0.65
CA HIS A 100 -10.48 4.18 0.06
C HIS A 100 -11.30 5.43 -0.14
N PRO A 101 -11.90 5.58 -1.34
CA PRO A 101 -12.80 6.68 -1.59
C PRO A 101 -13.95 6.71 -0.60
N GLY A 102 -14.33 7.92 -0.21
CA GLY A 102 -15.41 8.12 0.75
C GLY A 102 -14.91 8.34 2.17
N GLN A 103 -13.64 7.97 2.41
CA GLN A 103 -13.03 8.17 3.73
C GLN A 103 -12.24 9.48 3.81
N VAL A 104 -12.06 9.99 5.03
CA VAL A 104 -11.27 11.17 5.31
C VAL A 104 -9.94 10.78 5.96
N TYR A 105 -8.85 11.36 5.46
CA TYR A 105 -7.51 11.06 5.92
C TYR A 105 -6.81 12.31 6.37
N ARG A 106 -5.91 12.15 7.34
CA ARG A 106 -5.01 13.21 7.73
C ARG A 106 -3.68 12.95 7.01
N LEU A 107 -3.25 13.90 6.18
CA LEU A 107 -1.94 13.83 5.55
C LEU A 107 -0.94 14.52 6.47
N ILE A 108 0.14 13.82 6.80
CA ILE A 108 1.09 14.31 7.80
C ILE A 108 2.47 14.44 7.20
N ALA A 109 3.07 15.62 7.35
CA ALA A 109 4.47 15.81 7.03
C ALA A 109 5.28 16.06 8.31
N PRO A 110 6.23 15.16 8.64
CA PRO A 110 7.08 15.34 9.82
C PRO A 110 8.14 16.42 9.57
N GLY A 111 8.79 16.86 10.64
CA GLY A 111 9.84 17.87 10.54
C GLY A 111 9.34 19.29 10.67
N PRO A 112 10.24 20.28 10.40
CA PRO A 112 9.92 21.71 10.58
C PRO A 112 8.73 22.16 9.73
N ALA A 113 7.90 23.03 10.29
CA ALA A 113 6.70 23.51 9.61
C ALA A 113 7.03 24.49 8.47
N THR A 114 7.31 23.93 7.30
CA THR A 114 7.49 24.70 6.05
C THR A 114 6.15 25.36 5.68
N PRO A 115 6.12 26.71 5.67
CA PRO A 115 4.87 27.48 5.70
C PRO A 115 3.77 27.01 4.73
N MET A 116 4.09 26.95 3.44
CA MET A 116 3.08 26.70 2.42
C MET A 116 3.11 25.25 1.90
N LEU A 117 3.42 24.31 2.79
CA LEU A 117 3.73 22.93 2.39
C LEU A 117 2.63 22.22 1.60
N PHE A 118 1.40 22.32 2.09
CA PHE A 118 0.26 21.66 1.44
C PHE A 118 -0.45 22.55 0.42
N GLU A 119 0.25 23.55 -0.11
CA GLU A 119 -0.28 24.38 -1.20
C GLU A 119 0.13 23.81 -2.56
N LYS A 120 1.43 23.65 -2.77
CA LYS A 120 2.00 22.96 -3.94
C LYS A 120 3.43 22.45 -3.67
N ASP A 121 4.02 21.79 -4.66
CA ASP A 121 5.42 21.36 -4.61
C ASP A 121 6.36 22.58 -4.70
N ARG A 128 7.58 15.78 -9.03
CA ARG A 128 7.31 15.15 -10.33
C ARG A 128 5.81 14.91 -10.57
N ARG A 129 5.44 14.86 -11.85
CA ARG A 129 4.04 14.94 -12.27
C ARG A 129 3.78 13.97 -13.42
N PRO A 130 2.70 13.17 -13.32
CA PRO A 130 2.31 12.33 -14.45
C PRO A 130 1.93 13.17 -15.66
N LEU A 131 2.33 12.70 -16.84
CA LEU A 131 2.10 13.44 -18.09
C LEU A 131 0.63 13.81 -18.28
N GLU A 132 -0.27 12.91 -17.88
CA GLU A 132 -1.72 13.17 -17.96
C GLU A 132 -2.19 14.35 -17.09
N LEU A 133 -1.38 14.76 -16.12
CA LEU A 133 -1.70 15.92 -15.27
C LEU A 133 -0.85 17.15 -15.58
N ALA A 134 -0.26 17.19 -16.77
CA ALA A 134 0.48 18.38 -17.21
C ALA A 134 -0.40 19.61 -17.11
N GLY A 135 0.13 20.66 -16.48
CA GLY A 135 -0.55 21.96 -16.39
C GLY A 135 -1.81 22.02 -15.54
N CYS A 136 -2.04 21.00 -14.72
CA CYS A 136 -3.14 21.01 -13.75
C CYS A 136 -2.88 21.99 -12.60
N ALA A 137 -3.95 22.62 -12.09
CA ALA A 137 -3.84 23.74 -11.15
C ALA A 137 -3.41 23.42 -9.71
N SER A 138 -3.71 22.22 -9.22
CA SER A 138 -3.43 21.87 -7.82
C SER A 138 -2.96 20.44 -7.62
N CYS A 139 -1.73 20.19 -8.06
CA CYS A 139 -1.06 18.91 -7.82
C CYS A 139 -0.15 19.02 -6.60
N LEU A 140 -0.10 17.96 -5.82
CA LEU A 140 0.82 17.87 -4.69
C LEU A 140 1.43 16.48 -4.65
N THR A 141 2.75 16.43 -4.66
CA THR A 141 3.48 15.18 -4.57
C THR A 141 3.61 14.70 -3.11
N VAL A 142 3.20 13.46 -2.87
CA VAL A 142 3.37 12.85 -1.55
C VAL A 142 4.82 12.43 -1.39
N GLN A 143 5.49 12.99 -0.38
CA GLN A 143 6.89 12.66 -0.14
C GLN A 143 6.99 11.34 0.61
N ASP A 144 8.13 10.68 0.50
CA ASP A 144 8.29 9.34 1.07
C ASP A 144 8.15 9.28 2.59
N ASN A 145 8.46 10.37 3.28
CA ASN A 145 8.34 10.38 4.73
C ASN A 145 6.97 10.91 5.21
N TRP A 146 6.11 11.29 4.28
CA TRP A 146 4.74 11.68 4.64
C TRP A 146 3.93 10.43 4.98
N THR A 147 2.95 10.61 5.86
CA THR A 147 2.11 9.48 6.26
C THR A 147 0.63 9.87 6.16
N LEU A 148 -0.24 8.87 6.17
CA LEU A 148 -1.67 9.11 6.16
C LEU A 148 -2.33 8.34 7.30
N GLU A 149 -3.29 9.00 7.96
CA GLU A 149 -4.07 8.36 9.01
C GLU A 149 -5.55 8.44 8.65
N LEU A 150 -6.29 7.36 8.91
CA LEU A 150 -7.74 7.34 8.71
C LEU A 150 -8.42 8.11 9.83
N GLU A 151 -9.29 9.04 9.46
CA GLU A 151 -9.98 9.87 10.45
C GLU A 151 -11.31 9.26 10.91
N SER A 152 -11.53 9.29 12.22
CA SER A 152 -12.82 8.92 12.80
C SER A 152 -13.83 10.04 12.58
N SER A 153 -15.11 9.72 12.79
CA SER A 153 -16.18 10.72 12.69
C SER A 153 -15.94 11.95 13.58
N GLN A 154 -15.53 11.70 14.83
CA GLN A 154 -15.22 12.76 15.79
C GLN A 154 -14.00 13.61 15.37
N ASP A 155 -12.98 12.95 14.82
CA ASP A 155 -11.82 13.64 14.23
C ASP A 155 -12.28 14.67 13.19
N ILE A 156 -13.16 14.24 12.30
CA ILE A 156 -13.66 15.10 11.20
C ILE A 156 -14.41 16.32 11.76
N GLN A 157 -15.33 16.07 12.70
CA GLN A 157 -16.15 17.12 13.28
C GLN A 157 -15.33 18.20 13.98
N ASP A 158 -14.32 17.78 14.74
CA ASP A 158 -13.44 18.70 15.48
C ASP A 158 -12.72 19.71 14.59
N VAL A 159 -12.35 19.28 13.38
CA VAL A 159 -11.68 20.18 12.42
C VAL A 159 -12.68 21.16 11.80
N LEU A 160 -13.81 20.63 11.32
CA LEU A 160 -14.93 21.45 10.82
C LEU A 160 -15.37 22.52 11.81
N ASP A 161 -15.52 22.12 13.08
CA ASP A 161 -15.98 23.02 14.15
C ASP A 161 -15.01 24.16 14.49
N ALA A 162 -13.72 23.97 14.19
CA ALA A 162 -12.70 25.00 14.41
C ALA A 162 -12.44 25.84 13.16
N GLY B 12 -16.35 -18.07 -16.01
CA GLY B 12 -17.28 -18.80 -15.07
C GLY B 12 -17.10 -18.39 -13.62
N PRO B 13 -17.68 -19.16 -12.67
CA PRO B 13 -17.63 -18.76 -11.27
C PRO B 13 -16.48 -19.34 -10.43
N HIS B 14 -15.56 -20.12 -11.04
CA HIS B 14 -14.54 -20.82 -10.24
C HIS B 14 -13.09 -20.41 -10.51
N LEU B 15 -12.90 -19.20 -11.05
CA LEU B 15 -11.60 -18.79 -11.56
C LEU B 15 -10.78 -18.08 -10.48
N GLY B 16 -10.36 -18.82 -9.47
CA GLY B 16 -9.54 -18.26 -8.40
C GLY B 16 -9.36 -19.24 -7.27
N GLN B 17 -8.37 -18.97 -6.41
CA GLN B 17 -8.24 -19.69 -5.17
C GLN B 17 -7.67 -18.78 -4.10
N SER B 18 -7.82 -19.18 -2.85
CA SER B 18 -7.46 -18.32 -1.72
C SER B 18 -7.14 -19.14 -0.50
N ARG B 19 -6.54 -18.48 0.48
CA ARG B 19 -6.18 -19.15 1.71
C ARG B 19 -6.04 -18.11 2.80
N LEU B 20 -6.53 -18.44 3.99
CA LEU B 20 -6.48 -17.54 5.16
C LEU B 20 -5.18 -17.70 5.94
N PHE B 21 -4.63 -16.57 6.39
CA PHE B 21 -3.46 -16.61 7.26
C PHE B 21 -3.55 -15.53 8.32
N LEU B 22 -3.01 -15.85 9.50
CA LEU B 22 -2.85 -14.89 10.58
C LEU B 22 -1.50 -14.23 10.41
N LEU B 23 -1.51 -12.92 10.30
CA LEU B 23 -0.26 -12.18 10.11
C LEU B 23 0.36 -12.02 11.49
N CYS B 24 1.56 -12.55 11.67
CA CYS B 24 2.27 -12.45 12.94
C CYS B 24 3.06 -11.13 13.08
N HIS B 25 4.00 -10.89 12.17
CA HIS B 25 4.76 -9.64 12.18
C HIS B 25 5.14 -9.24 10.77
N LYS B 26 5.42 -7.95 10.60
CA LYS B 26 5.69 -7.35 9.29
C LYS B 26 7.02 -6.63 9.35
N GLU B 27 7.95 -7.02 8.49
CA GLU B 27 9.25 -6.35 8.40
C GLU B 27 9.13 -5.08 7.55
N ALA B 28 10.08 -4.16 7.72
CA ALA B 28 10.05 -2.83 7.15
C ALA B 28 10.05 -2.84 5.62
N LEU B 29 9.45 -1.79 5.04
CA LEU B 29 9.56 -1.51 3.62
C LEU B 29 10.89 -0.81 3.33
N MET B 30 11.77 -1.51 2.62
CA MET B 30 13.10 -0.99 2.33
C MET B 30 13.74 -1.72 1.17
N LYS B 31 14.71 -1.06 0.54
CA LYS B 31 15.54 -1.72 -0.46
C LYS B 31 16.32 -2.83 0.22
N ARG B 32 16.26 -4.02 -0.35
CA ARG B 32 16.95 -5.20 0.15
C ARG B 32 17.74 -5.90 -0.94
N ASN B 33 18.88 -6.48 -0.58
CA ASN B 33 19.59 -7.41 -1.44
C ASN B 33 18.77 -8.68 -1.58
N PHE B 34 18.79 -9.27 -2.77
CA PHE B 34 18.06 -10.51 -3.03
C PHE B 34 18.94 -11.75 -3.26
N CYS B 35 18.42 -12.92 -2.91
CA CYS B 35 19.05 -14.22 -3.15
C CYS B 35 19.26 -14.49 -4.65
N VAL B 36 20.26 -15.32 -4.95
CA VAL B 36 20.53 -15.78 -6.31
C VAL B 36 19.46 -16.83 -6.69
N PRO B 37 18.75 -16.62 -7.82
CA PRO B 37 17.73 -17.60 -8.23
C PRO B 37 18.34 -18.95 -8.66
N PRO B 38 17.51 -20.03 -8.73
CA PRO B 38 17.98 -21.30 -9.31
C PRO B 38 18.51 -21.12 -10.73
N GLY B 39 19.57 -21.86 -11.05
CA GLY B 39 20.25 -21.73 -12.35
C GLY B 39 21.52 -20.90 -12.27
N ALA B 40 21.58 -20.01 -11.28
CA ALA B 40 22.71 -19.08 -11.08
C ALA B 40 23.12 -18.37 -12.37
N SER B 41 22.17 -17.60 -12.92
CA SER B 41 22.40 -16.76 -14.12
C SER B 41 23.63 -15.86 -13.93
N PRO B 42 24.36 -15.58 -15.04
CA PRO B 42 25.54 -14.72 -14.96
C PRO B 42 25.19 -13.23 -14.83
N GLU B 43 24.44 -12.90 -13.79
CA GLU B 43 24.01 -11.53 -13.52
C GLU B 43 23.89 -11.35 -12.01
N VAL B 44 23.99 -10.11 -11.55
CA VAL B 44 23.81 -9.83 -10.13
C VAL B 44 22.31 -9.55 -9.87
N PRO B 45 21.67 -10.34 -8.98
CA PRO B 45 20.25 -10.10 -8.65
C PRO B 45 20.05 -8.66 -8.21
N LYS B 46 19.05 -8.00 -8.79
CA LYS B 46 18.82 -6.57 -8.57
C LYS B 46 18.23 -6.32 -7.18
N PRO B 47 18.81 -5.36 -6.42
CA PRO B 47 18.23 -5.01 -5.11
C PRO B 47 16.93 -4.29 -5.34
N ALA B 48 15.96 -4.49 -4.45
CA ALA B 48 14.61 -3.98 -4.69
C ALA B 48 13.90 -3.55 -3.43
N LEU B 49 13.12 -2.48 -3.55
CA LEU B 49 12.20 -2.09 -2.49
C LEU B 49 11.29 -3.31 -2.22
N SER B 50 11.11 -3.63 -0.96
CA SER B 50 10.47 -4.89 -0.60
C SER B 50 10.03 -4.91 0.84
N PHE B 51 9.12 -5.82 1.17
CA PHE B 51 8.87 -6.16 2.55
C PHE B 51 8.40 -7.60 2.60
N TYR B 52 8.34 -8.15 3.80
CA TYR B 52 7.74 -9.45 3.96
C TYR B 52 7.07 -9.53 5.32
N VAL B 53 6.17 -10.51 5.45
CA VAL B 53 5.52 -10.81 6.71
C VAL B 53 5.71 -12.27 7.05
N LEU B 54 5.70 -12.59 8.33
CA LEU B 54 5.53 -13.96 8.76
C LEU B 54 4.07 -14.15 9.14
N GLY B 55 3.48 -15.21 8.61
CA GLY B 55 2.15 -15.63 9.00
C GLY B 55 2.03 -17.13 9.22
N SER B 56 0.85 -17.53 9.66
CA SER B 56 0.47 -18.93 9.77
C SER B 56 -0.82 -19.15 9.00
N TRP B 57 -0.81 -20.12 8.09
CA TRP B 57 -2.06 -20.52 7.40
C TRP B 57 -3.06 -21.06 8.42
N LEU B 58 -4.32 -20.66 8.30
CA LEU B 58 -5.36 -21.10 9.23
C LEU B 58 -6.14 -22.31 8.71
N GLY B 59 -5.99 -22.59 7.42
CA GLY B 59 -6.71 -23.68 6.76
C GLY B 59 -6.16 -23.89 5.38
N GLY B 60 -6.62 -24.94 4.71
CA GLY B 60 -6.15 -25.25 3.36
C GLY B 60 -6.72 -24.29 2.34
N THR B 61 -6.20 -24.41 1.12
CA THR B 61 -6.62 -23.60 -0.02
C THR B 61 -8.11 -23.81 -0.32
N GLN B 62 -8.78 -22.71 -0.67
CA GLN B 62 -10.19 -22.78 -1.07
C GLN B 62 -10.35 -22.31 -2.50
N ARG B 63 -11.14 -23.04 -3.27
CA ARG B 63 -11.45 -22.68 -4.64
C ARG B 63 -12.58 -21.63 -4.68
N LYS B 64 -12.49 -20.69 -5.63
CA LYS B 64 -13.52 -19.70 -5.86
C LYS B 64 -14.87 -20.38 -6.13
N GLU B 65 -15.93 -19.85 -5.54
CA GLU B 65 -17.28 -20.34 -5.76
C GLU B 65 -18.20 -19.14 -5.85
N GLY B 66 -18.31 -18.56 -7.05
CA GLY B 66 -19.06 -17.32 -7.26
C GLY B 66 -18.45 -16.15 -6.49
N THR B 67 -19.25 -15.53 -5.64
CA THR B 67 -18.79 -14.43 -4.78
C THR B 67 -18.25 -14.97 -3.46
N GLY B 68 -18.20 -16.29 -3.35
CA GLY B 68 -17.76 -16.97 -2.14
C GLY B 68 -16.63 -17.95 -2.40
N TRP B 69 -16.44 -18.87 -1.46
CA TRP B 69 -15.30 -19.80 -1.45
C TRP B 69 -15.71 -21.20 -1.06
N GLY B 70 -15.13 -22.19 -1.73
CA GLY B 70 -15.39 -23.59 -1.46
C GLY B 70 -14.74 -24.08 -0.18
N LEU B 71 -14.93 -25.37 0.10
CA LEU B 71 -14.37 -26.02 1.28
C LEU B 71 -12.84 -26.03 1.25
N PRO B 72 -12.20 -25.70 2.39
CA PRO B 72 -10.73 -25.74 2.47
C PRO B 72 -10.16 -27.14 2.22
N GLU B 73 -9.01 -27.18 1.55
CA GLU B 73 -8.28 -28.42 1.27
C GLU B 73 -7.63 -28.95 2.56
N ASP B 81 5.17 -27.33 10.02
CA ASP B 81 4.22 -26.37 10.57
C ASP B 81 3.47 -25.61 9.46
N GLN B 82 2.68 -24.62 9.86
CA GLN B 82 1.90 -23.82 8.92
C GLN B 82 2.49 -22.42 8.71
N LYS B 83 3.75 -22.27 9.07
CA LYS B 83 4.45 -20.97 8.95
C LYS B 83 4.78 -20.67 7.51
N VAL B 84 4.72 -19.37 7.16
CA VAL B 84 5.02 -18.92 5.81
C VAL B 84 5.51 -17.47 5.86
N HIS B 85 6.56 -17.21 5.08
CA HIS B 85 7.01 -15.86 4.79
C HIS B 85 6.41 -15.43 3.45
N LEU B 86 5.60 -14.38 3.49
CA LEU B 86 5.04 -13.83 2.26
C LEU B 86 5.87 -12.65 1.85
N ILE B 87 6.36 -12.69 0.61
CA ILE B 87 7.35 -11.75 0.08
C ILE B 87 6.70 -10.77 -0.89
N PHE B 88 6.91 -9.48 -0.66
CA PHE B 88 6.29 -8.43 -1.45
C PHE B 88 7.35 -7.56 -2.08
N PHE B 89 7.31 -7.46 -3.41
CA PHE B 89 8.10 -6.45 -4.13
C PHE B 89 7.37 -6.03 -5.38
N GLY B 90 7.93 -5.07 -6.12
CA GLY B 90 7.27 -4.50 -7.29
C GLY B 90 5.93 -3.89 -6.89
N SER B 91 4.89 -4.17 -7.67
CA SER B 91 3.58 -3.56 -7.40
C SER B 91 2.92 -4.12 -6.13
N SER B 92 3.39 -5.27 -5.66
CA SER B 92 2.90 -5.87 -4.39
C SER B 92 3.24 -5.06 -3.14
N VAL B 93 4.15 -4.09 -3.27
CA VAL B 93 4.43 -3.14 -2.20
C VAL B 93 3.17 -2.32 -1.83
N ARG B 94 2.19 -2.28 -2.73
CA ARG B 94 0.90 -1.60 -2.51
C ARG B 94 0.13 -2.06 -1.26
N TRP B 95 0.51 -3.23 -0.73
CA TRP B 95 -0.14 -3.84 0.44
C TRP B 95 0.43 -3.40 1.78
N PHE B 96 1.57 -2.68 1.77
CA PHE B 96 2.31 -2.47 3.01
C PHE B 96 1.47 -1.87 4.15
N GLU B 97 0.88 -0.70 3.92
CA GLU B 97 0.15 0.03 4.98
C GLU B 97 -1.22 -0.58 5.32
N PHE B 98 -1.71 -1.44 4.44
CA PHE B 98 -2.97 -2.15 4.63
C PHE B 98 -2.86 -3.31 5.64
N LEU B 99 -1.65 -3.85 5.79
CA LEU B 99 -1.44 -5.09 6.55
C LEU B 99 -0.96 -4.80 7.97
N HIS B 100 -1.51 -5.55 8.92
CA HIS B 100 -1.23 -5.31 10.34
C HIS B 100 -1.05 -6.59 11.12
N PRO B 101 -0.09 -6.60 12.07
CA PRO B 101 0.07 -7.77 12.93
C PRO B 101 -1.19 -8.07 13.71
N GLY B 102 -1.46 -9.36 13.89
CA GLY B 102 -2.54 -9.83 14.74
C GLY B 102 -3.87 -9.96 14.02
N GLN B 103 -3.89 -9.61 12.72
CA GLN B 103 -5.10 -9.70 11.91
C GLN B 103 -5.02 -10.89 10.95
N VAL B 104 -6.19 -11.37 10.53
CA VAL B 104 -6.29 -12.49 9.60
C VAL B 104 -6.71 -11.93 8.25
N TYR B 105 -6.00 -12.37 7.21
CA TYR B 105 -6.28 -11.96 5.83
C TYR B 105 -6.52 -13.15 4.95
N ARG B 106 -7.35 -12.95 3.93
CA ARG B 106 -7.49 -13.92 2.87
C ARG B 106 -6.59 -13.48 1.71
N LEU B 107 -5.63 -14.34 1.36
CA LEU B 107 -4.78 -14.12 0.21
C LEU B 107 -5.46 -14.75 -0.99
N ILE B 108 -5.63 -13.97 -2.05
CA ILE B 108 -6.42 -14.40 -3.22
C ILE B 108 -5.56 -14.39 -4.47
N ALA B 109 -5.60 -15.51 -5.20
CA ALA B 109 -4.95 -15.63 -6.48
C ALA B 109 -6.02 -15.88 -7.54
N PRO B 110 -6.30 -14.86 -8.37
CA PRO B 110 -7.27 -15.01 -9.46
C PRO B 110 -6.69 -15.90 -10.55
N GLY B 111 -7.56 -16.45 -11.40
CA GLY B 111 -7.12 -17.29 -12.51
C GLY B 111 -7.22 -18.78 -12.23
N PRO B 112 -6.65 -19.62 -13.15
CA PRO B 112 -6.81 -21.09 -13.12
C PRO B 112 -6.30 -21.72 -11.84
N ALA B 113 -7.09 -22.65 -11.29
CA ALA B 113 -6.76 -23.34 -10.05
C ALA B 113 -5.51 -24.21 -10.17
N THR B 114 -4.35 -23.56 -10.12
CA THR B 114 -3.05 -24.22 -10.20
C THR B 114 -2.85 -25.07 -8.94
N PRO B 115 -2.56 -26.38 -9.12
CA PRO B 115 -2.33 -27.28 -7.99
C PRO B 115 -1.15 -26.81 -7.14
N MET B 116 -1.33 -26.88 -5.81
CA MET B 116 -0.31 -26.56 -4.82
C MET B 116 0.29 -25.13 -4.93
N LEU B 117 -0.58 -24.16 -5.20
CA LEU B 117 -0.18 -22.77 -5.47
C LEU B 117 0.34 -22.01 -4.24
N PHE B 118 -0.27 -22.24 -3.09
CA PHE B 118 0.15 -21.57 -1.86
C PHE B 118 1.14 -22.37 -1.02
N GLU B 119 1.62 -23.49 -1.56
CA GLU B 119 2.59 -24.34 -0.88
C GLU B 119 4.03 -23.90 -1.16
N LYS B 120 4.30 -23.51 -2.41
CA LYS B 120 5.62 -23.03 -2.85
C LYS B 120 5.51 -22.15 -4.11
N ASP B 121 6.59 -21.42 -4.41
CA ASP B 121 6.73 -20.68 -5.67
C ASP B 121 6.80 -21.63 -6.86
N ILE B 126 7.21 -15.82 -11.34
CA ILE B 126 8.04 -14.83 -10.62
C ILE B 126 8.33 -15.34 -9.21
N SER B 127 9.62 -15.45 -8.90
CA SER B 127 10.09 -16.05 -7.65
C SER B 127 11.40 -15.39 -7.20
N ARG B 128 11.33 -14.59 -6.15
CA ARG B 128 12.50 -13.94 -5.57
C ARG B 128 12.38 -13.87 -4.04
N ARG B 129 13.51 -13.92 -3.35
CA ARG B 129 13.51 -13.71 -1.90
C ARG B 129 14.68 -12.85 -1.43
N PRO B 130 14.45 -12.00 -0.40
CA PRO B 130 15.53 -11.20 0.17
C PRO B 130 16.63 -12.08 0.74
N LEU B 131 17.85 -11.58 0.69
CA LEU B 131 19.04 -12.31 1.13
C LEU B 131 18.92 -12.77 2.58
N GLU B 132 18.31 -11.91 3.39
CA GLU B 132 17.83 -12.19 4.74
C GLU B 132 17.20 -13.56 4.96
N LEU B 133 16.52 -14.05 3.94
CA LEU B 133 15.69 -15.24 4.07
C LEU B 133 16.29 -16.45 3.35
N ALA B 134 17.56 -16.36 3.01
CA ALA B 134 18.27 -17.41 2.26
C ALA B 134 18.03 -18.82 2.79
N GLY B 135 18.12 -19.00 4.10
CA GLY B 135 17.97 -20.31 4.71
C GLY B 135 16.58 -20.92 4.66
N CYS B 136 15.57 -20.08 4.48
CA CYS B 136 14.18 -20.42 4.86
C CYS B 136 13.48 -21.47 3.97
N ALA B 137 12.79 -22.38 4.62
CA ALA B 137 12.13 -23.49 3.94
C ALA B 137 10.69 -23.16 3.48
N SER B 138 10.15 -22.04 3.97
CA SER B 138 8.78 -21.70 3.65
C SER B 138 8.61 -20.22 3.29
N CYS B 139 8.87 -19.92 2.02
CA CYS B 139 8.72 -18.58 1.47
C CYS B 139 7.78 -18.63 0.29
N LEU B 140 7.01 -17.56 0.10
CA LEU B 140 6.08 -17.48 -1.01
C LEU B 140 6.05 -16.05 -1.52
N THR B 141 6.26 -15.87 -2.82
CA THR B 141 6.25 -14.55 -3.45
C THR B 141 4.80 -14.16 -3.76
N VAL B 142 4.41 -12.98 -3.31
CA VAL B 142 3.07 -12.45 -3.61
C VAL B 142 3.09 -11.89 -5.03
N GLN B 143 2.30 -12.49 -5.90
CA GLN B 143 2.28 -12.10 -7.30
C GLN B 143 1.50 -10.81 -7.49
N ASP B 144 1.80 -10.09 -8.57
CA ASP B 144 1.23 -8.75 -8.77
C ASP B 144 -0.29 -8.74 -8.87
N ASN B 145 -0.89 -9.82 -9.38
CA ASN B 145 -2.34 -9.87 -9.49
C ASN B 145 -3.04 -10.48 -8.26
N TRP B 146 -2.26 -10.91 -7.26
CA TRP B 146 -2.86 -11.42 -6.02
C TRP B 146 -3.41 -10.28 -5.18
N THR B 147 -4.45 -10.57 -4.39
CA THR B 147 -5.03 -9.57 -3.50
C THR B 147 -5.17 -10.11 -2.10
N LEU B 148 -5.37 -9.19 -1.16
CA LEU B 148 -5.55 -9.52 0.26
C LEU B 148 -6.81 -8.83 0.79
N GLU B 149 -7.61 -9.56 1.55
CA GLU B 149 -8.82 -9.00 2.17
C GLU B 149 -8.76 -9.22 3.67
N LEU B 150 -9.23 -8.26 4.44
CA LEU B 150 -9.28 -8.44 5.90
C LEU B 150 -10.48 -9.31 6.29
N GLU B 151 -10.25 -10.28 7.16
CA GLU B 151 -11.29 -11.24 7.55
C GLU B 151 -11.93 -10.88 8.89
N SER B 152 -13.24 -11.08 8.98
CA SER B 152 -13.97 -10.92 10.25
C SER B 152 -13.89 -12.20 11.08
N SER B 153 -14.27 -12.11 12.37
CA SER B 153 -14.41 -13.29 13.22
C SER B 153 -15.26 -14.38 12.57
N GLN B 154 -16.35 -13.97 11.92
CA GLN B 154 -17.26 -14.88 11.23
C GLN B 154 -16.56 -15.61 10.08
N ASP B 155 -15.82 -14.84 9.27
CA ASP B 155 -14.99 -15.39 8.18
C ASP B 155 -14.03 -16.47 8.68
N ILE B 156 -13.36 -16.18 9.79
CA ILE B 156 -12.40 -17.09 10.40
C ILE B 156 -13.13 -18.37 10.90
N GLN B 157 -14.24 -18.15 11.60
CA GLN B 157 -15.06 -19.24 12.12
C GLN B 157 -15.46 -20.20 10.99
N ASP B 158 -15.93 -19.64 9.87
CA ASP B 158 -16.37 -20.43 8.71
C ASP B 158 -15.29 -21.35 8.14
N VAL B 159 -14.02 -20.92 8.18
CA VAL B 159 -12.89 -21.73 7.71
C VAL B 159 -12.49 -22.78 8.75
N LEU B 160 -12.33 -22.35 10.00
CA LEU B 160 -11.97 -23.27 11.09
C LEU B 160 -13.02 -24.35 11.33
N ASP B 161 -14.30 -24.00 11.22
CA ASP B 161 -15.40 -24.96 11.42
C ASP B 161 -15.54 -25.97 10.30
N ALA B 162 -15.18 -25.57 9.08
CA ALA B 162 -15.21 -26.46 7.92
C ALA B 162 -14.10 -27.52 8.00
#